data_6TDP
#
_entry.id   6TDP
#
_cell.length_a   53.340
_cell.length_b   81.134
_cell.length_c   56.450
_cell.angle_alpha   90.000
_cell.angle_beta   112.290
_cell.angle_gamma   90.000
#
_symmetry.space_group_name_H-M   'P 1 21 1'
#
loop_
_entity.id
_entity.type
_entity.pdbx_description
1 polymer 'MHC class I antigen'
2 polymer Beta-2-microglobulin
3 non-polymer 'SODIUM ION'
4 non-polymer GLYCINE
5 non-polymer LEUCINE
6 non-polymer GLYCEROL
7 water water
#
loop_
_entity_poly.entity_id
_entity_poly.type
_entity_poly.pdbx_seq_one_letter_code
_entity_poly.pdbx_strand_id
1 'polypeptide(L)'
;AGSHSMRYFFTSVSRPGRGEPRFIAVGYVDDTQFVRFDSDAASQRMEPRAPWIEQEGPEYWDGETRKVKAHSQTHRVDLG
TLRGCYNQSEAGSHTVQRMYGCDVGSDWRFLRGYHQYAYDGKDYIALKEDLRSWTAADMCAQTTKHKWEAAHVAEQLRAY
LEGTCVEWLRRYLENGKETLQRTDAPKTHMTHHAVSDHEATLRCWALSFYPAEITLTWQRDGEDQTQDTELVETRPAGDG
TFQKWVAVVVPSGQEQRYTCHVQHEGLPKPLTLRWE
;
A
2 'polypeptide(L)'
;MIQRTPKIQVYSRHPAENGKSNFLNCYVSGFHPSDIEVDLLKNGERIEKVEHSDLSFSKDWSFYLLYYTEFTPTEKDEYA
CRVNHVTLSQPKIVKWDRDM
;
B
#
loop_
_chem_comp.id
_chem_comp.type
_chem_comp.name
_chem_comp.formula
GOL non-polymer GLYCEROL 'C3 H8 O3'
NA non-polymer 'SODIUM ION' 'Na 1'
#
# COMPACT_ATOMS: atom_id res chain seq x y z
N GLY A 2 9.73 17.63 -6.85
CA GLY A 2 10.26 16.63 -5.91
C GLY A 2 10.56 15.33 -6.62
N SER A 3 10.88 14.33 -5.83
CA SER A 3 11.32 13.05 -6.34
C SER A 3 10.11 12.20 -6.75
N HIS A 4 10.40 11.23 -7.62
CA HIS A 4 9.35 10.36 -8.16
C HIS A 4 9.85 8.92 -8.23
N SER A 5 8.91 7.99 -8.42
CA SER A 5 9.23 6.61 -8.47
C SER A 5 8.30 5.87 -9.41
N MET A 6 8.82 4.76 -9.96
CA MET A 6 7.94 3.76 -10.60
C MET A 6 8.25 2.43 -9.96
N ARG A 7 7.20 1.72 -9.53
CA ARG A 7 7.41 0.45 -8.84
C ARG A 7 6.40 -0.58 -9.32
N TYR A 8 6.87 -1.82 -9.51
CA TYR A 8 6.00 -2.97 -9.80
C TYR A 8 6.05 -3.97 -8.66
N PHE A 9 4.89 -4.51 -8.30
CA PHE A 9 4.74 -5.44 -7.19
C PHE A 9 4.07 -6.70 -7.77
N PHE A 10 4.55 -7.88 -7.37
CA PHE A 10 4.09 -9.13 -7.90
C PHE A 10 3.89 -10.10 -6.74
N THR A 11 2.75 -10.79 -6.69
CA THR A 11 2.50 -11.75 -5.67
C THR A 11 1.96 -13.02 -6.33
N SER A 12 2.61 -14.17 -6.05
CA SER A 12 2.09 -15.47 -6.51
C SER A 12 1.83 -16.34 -5.30
N VAL A 13 0.68 -17.01 -5.28
CA VAL A 13 0.28 -17.86 -4.13
C VAL A 13 -0.03 -19.24 -4.71
N SER A 14 0.72 -20.28 -4.30
CA SER A 14 0.48 -21.62 -4.87
C SER A 14 -0.88 -22.14 -4.42
N ARG A 15 -1.38 -23.05 -5.29
CA ARG A 15 -2.71 -23.65 -5.10
C ARG A 15 -2.61 -25.16 -5.16
N PRO A 16 -2.26 -25.81 -4.02
CA PRO A 16 -1.75 -27.19 -4.03
C PRO A 16 -2.38 -28.30 -4.91
N GLY A 17 -3.67 -28.38 -4.84
CA GLY A 17 -4.37 -29.57 -5.40
C GLY A 17 -4.75 -29.46 -6.88
N ARG A 18 -4.75 -28.26 -7.47
CA ARG A 18 -5.00 -28.18 -8.89
C ARG A 18 -4.55 -26.81 -9.44
N GLY A 19 -3.85 -26.84 -10.57
CA GLY A 19 -3.65 -25.68 -11.43
C GLY A 19 -2.47 -24.81 -11.00
N GLU A 20 -2.38 -23.64 -11.64
CA GLU A 20 -1.27 -22.72 -11.48
C GLU A 20 -1.53 -21.79 -10.29
N PRO A 21 -0.49 -21.07 -9.80
CA PRO A 21 -0.70 -20.16 -8.68
C PRO A 21 -1.62 -18.98 -9.03
N ARG A 22 -2.24 -18.43 -8.02
CA ARG A 22 -2.89 -17.11 -8.14
C ARG A 22 -1.79 -16.05 -8.23
N PHE A 23 -1.84 -15.23 -9.26
CA PHE A 23 -0.79 -14.23 -9.54
C PHE A 23 -1.48 -12.88 -9.70
N ILE A 24 -1.04 -11.89 -8.92
CA ILE A 24 -1.48 -10.53 -9.02
C ILE A 24 -0.28 -9.62 -9.17
N ALA A 25 -0.32 -8.72 -10.15
CA ALA A 25 0.75 -7.73 -10.41
C ALA A 25 0.07 -6.35 -10.42
N VAL A 26 0.76 -5.37 -9.81
CA VAL A 26 0.28 -3.96 -9.85
C VAL A 26 1.48 -3.08 -10.13
N GLY A 27 1.24 -1.97 -10.86
CA GLY A 27 2.28 -0.96 -11.08
C GLY A 27 1.81 0.37 -10.56
N TYR A 28 2.76 1.10 -9.97
CA TYR A 28 2.55 2.46 -9.40
C TYR A 28 3.55 3.44 -9.98
N VAL A 29 3.06 4.67 -10.24
CA VAL A 29 3.93 5.86 -10.31
C VAL A 29 3.67 6.66 -9.05
N ASP A 30 4.73 6.88 -8.25
CA ASP A 30 4.56 7.54 -6.97
C ASP A 30 3.50 6.79 -6.17
N ASP A 31 2.45 7.45 -5.72
CA ASP A 31 1.42 6.79 -4.95
C ASP A 31 0.16 6.55 -5.77
N THR A 32 0.28 6.47 -7.09
CA THR A 32 -0.83 6.27 -8.00
C THR A 32 -0.70 4.93 -8.74
N GLN A 33 -1.63 4.01 -8.48
CA GLN A 33 -1.64 2.76 -9.24
C GLN A 33 -2.03 3.02 -10.69
N PHE A 34 -1.39 2.40 -11.66
CA PHE A 34 -1.74 2.69 -13.05
C PHE A 34 -2.03 1.44 -13.86
N VAL A 35 -1.56 0.26 -13.45
CA VAL A 35 -1.88 -0.99 -14.17
C VAL A 35 -2.10 -2.11 -13.17
N ARG A 36 -2.77 -3.17 -13.62
CA ARG A 36 -2.88 -4.41 -12.87
C ARG A 36 -2.93 -5.59 -13.84
N PHE A 37 -2.58 -6.75 -13.28
CA PHE A 37 -2.90 -8.04 -13.90
C PHE A 37 -3.33 -8.99 -12.81
N ASP A 38 -4.45 -9.71 -13.01
CA ASP A 38 -4.88 -10.73 -12.06
C ASP A 38 -5.16 -12.02 -12.82
N SER A 39 -4.47 -13.12 -12.47
CA SER A 39 -4.66 -14.40 -13.14
C SER A 39 -6.11 -14.89 -13.05
N ASP A 40 -6.87 -14.47 -12.05
CA ASP A 40 -8.27 -14.92 -11.89
C ASP A 40 -9.21 -14.10 -12.79
N ALA A 41 -8.76 -12.99 -13.39
CA ALA A 41 -9.66 -12.14 -14.22
C ALA A 41 -9.82 -12.75 -15.62
N ALA A 42 -10.96 -12.49 -16.26
CA ALA A 42 -11.28 -13.10 -17.55
C ALA A 42 -10.46 -12.48 -18.68
N SER A 43 -10.03 -11.22 -18.60
CA SER A 43 -9.38 -10.58 -19.74
C SER A 43 -8.06 -11.27 -20.08
N GLN A 44 -7.29 -11.70 -19.05
CA GLN A 44 -5.93 -12.18 -19.27
C GLN A 44 -5.07 -11.16 -20.03
N ARG A 45 -5.32 -9.87 -19.64
CA ARG A 45 -4.55 -8.77 -20.17
C ARG A 45 -4.05 -7.92 -19.00
N MET A 46 -2.90 -7.27 -19.23
CA MET A 46 -2.59 -6.09 -18.39
C MET A 46 -3.70 -5.06 -18.60
N GLU A 47 -4.25 -4.49 -17.51
CA GLU A 47 -5.41 -3.59 -17.56
C GLU A 47 -5.02 -2.23 -17.02
N PRO A 48 -5.60 -1.14 -17.57
CA PRO A 48 -5.36 0.22 -17.05
C PRO A 48 -6.10 0.45 -15.74
N ARG A 49 -5.47 1.26 -14.86
CA ARG A 49 -6.06 1.65 -13.61
C ARG A 49 -5.92 3.18 -13.35
N ALA A 50 -5.38 3.91 -14.32
CA ALA A 50 -5.32 5.39 -14.25
C ALA A 50 -5.73 5.92 -15.61
N PRO A 51 -6.43 7.08 -15.71
CA PRO A 51 -6.84 7.56 -17.02
C PRO A 51 -5.71 7.88 -17.98
N TRP A 52 -4.54 8.32 -17.49
CA TRP A 52 -3.44 8.72 -18.34
C TRP A 52 -2.68 7.57 -19.01
N ILE A 53 -2.90 6.32 -18.58
CA ILE A 53 -2.25 5.18 -19.27
C ILE A 53 -3.09 4.70 -20.45
N GLU A 54 -4.33 5.16 -20.52
CA GLU A 54 -5.29 4.69 -21.59
C GLU A 54 -4.85 5.19 -22.98
N GLN A 55 -4.11 6.30 -22.99
CA GLN A 55 -3.38 6.85 -24.13
C GLN A 55 -2.65 5.73 -24.88
N GLU A 56 -2.06 4.79 -24.13
CA GLU A 56 -1.13 3.90 -24.74
C GLU A 56 -1.88 2.98 -25.71
N GLY A 57 -1.19 2.70 -26.81
CA GLY A 57 -1.75 1.95 -27.95
C GLY A 57 -1.85 0.45 -27.68
N PRO A 58 -2.47 -0.32 -28.60
CA PRO A 58 -2.57 -1.76 -28.46
C PRO A 58 -1.19 -2.43 -28.42
N GLU A 59 -0.18 -1.89 -29.07
CA GLU A 59 1.17 -2.45 -28.95
C GLU A 59 1.74 -2.40 -27.51
N TYR A 60 1.38 -1.36 -26.77
CA TYR A 60 1.85 -1.27 -25.35
C TYR A 60 1.19 -2.39 -24.58
N TRP A 61 -0.11 -2.56 -24.74
CA TRP A 61 -0.89 -3.50 -23.96
C TRP A 61 -0.45 -4.91 -24.33
N ASP A 62 -0.11 -5.16 -25.59
CA ASP A 62 0.41 -6.47 -26.01
C ASP A 62 1.74 -6.78 -25.33
N GLY A 63 2.68 -5.83 -25.29
CA GLY A 63 3.95 -6.01 -24.73
C GLY A 63 3.88 -6.17 -23.22
N GLU A 64 3.03 -5.37 -22.55
CA GLU A 64 2.97 -5.47 -21.08
C GLU A 64 2.33 -6.81 -20.69
N THR A 65 1.34 -7.25 -21.45
CA THR A 65 0.66 -8.52 -21.19
C THR A 65 1.66 -9.66 -21.37
N ARG A 66 2.43 -9.65 -22.45
N ARG A 66 2.45 -9.65 -22.44
CA ARG A 66 3.48 -10.68 -22.69
CA ARG A 66 3.40 -10.71 -22.63
C ARG A 66 4.43 -10.73 -21.49
C ARG A 66 4.42 -10.74 -21.48
N LYS A 67 4.94 -9.55 -21.10
CA LYS A 67 5.93 -9.48 -20.02
C LYS A 67 5.37 -9.93 -18.66
N VAL A 68 4.15 -9.53 -18.34
CA VAL A 68 3.61 -9.86 -17.05
C VAL A 68 3.27 -11.35 -16.99
N LYS A 69 2.75 -11.93 -18.07
CA LYS A 69 2.54 -13.38 -18.09
C LYS A 69 3.87 -14.12 -17.96
N ALA A 70 4.95 -13.65 -18.56
CA ALA A 70 6.24 -14.27 -18.38
C ALA A 70 6.63 -14.23 -16.91
N HIS A 71 6.42 -13.10 -16.24
CA HIS A 71 6.72 -13.04 -14.81
C HIS A 71 5.93 -14.09 -14.02
N SER A 72 4.66 -14.30 -14.37
CA SER A 72 3.81 -15.27 -13.70
C SER A 72 4.41 -16.68 -13.85
N GLN A 73 4.94 -16.97 -15.04
CA GLN A 73 5.55 -18.32 -15.21
C GLN A 73 6.84 -18.45 -14.41
N THR A 74 7.64 -17.38 -14.33
CA THR A 74 8.85 -17.45 -13.54
C THR A 74 8.50 -17.76 -12.07
N HIS A 75 7.45 -17.12 -11.56
CA HIS A 75 7.03 -17.36 -10.18
C HIS A 75 6.49 -18.78 -9.99
N ARG A 76 5.80 -19.32 -11.01
CA ARG A 76 5.30 -20.69 -10.93
C ARG A 76 6.48 -21.66 -10.73
N VAL A 77 7.47 -21.49 -11.58
CA VAL A 77 8.65 -22.35 -11.51
C VAL A 77 9.37 -22.17 -10.15
N ASP A 78 9.48 -20.89 -9.72
CA ASP A 78 10.19 -20.60 -8.48
C ASP A 78 9.49 -21.24 -7.30
N LEU A 79 8.16 -21.21 -7.24
CA LEU A 79 7.47 -21.83 -6.13
C LEU A 79 7.87 -23.33 -6.06
N GLY A 80 8.01 -23.94 -7.22
CA GLY A 80 8.46 -25.36 -7.32
C GLY A 80 9.87 -25.55 -6.76
N THR A 81 10.82 -24.75 -7.24
CA THR A 81 12.23 -24.74 -6.84
C THR A 81 12.33 -24.54 -5.31
N LEU A 82 11.59 -23.56 -4.77
CA LEU A 82 11.66 -23.19 -3.37
C LEU A 82 11.11 -24.33 -2.51
N ARG A 83 9.98 -24.93 -2.91
CA ARG A 83 9.38 -25.98 -2.16
C ARG A 83 10.39 -27.12 -2.01
N GLY A 84 11.09 -27.39 -3.09
CA GLY A 84 12.12 -28.44 -3.12
C GLY A 84 13.32 -28.10 -2.25
N CYS A 85 13.84 -26.88 -2.35
CA CYS A 85 15.03 -26.49 -1.60
C CYS A 85 14.78 -26.51 -0.09
N TYR A 86 13.57 -26.16 0.37
CA TYR A 86 13.20 -26.08 1.76
C TYR A 86 12.56 -27.38 2.24
N ASN A 87 12.49 -28.39 1.34
CA ASN A 87 12.02 -29.74 1.67
C ASN A 87 10.59 -29.66 2.22
N GLN A 88 9.72 -28.87 1.55
CA GLN A 88 8.36 -28.70 2.00
C GLN A 88 7.43 -29.67 1.28
N SER A 89 6.29 -29.95 1.90
CA SER A 89 5.33 -30.84 1.23
C SER A 89 4.51 -30.09 0.18
N GLU A 90 3.77 -30.86 -0.62
CA GLU A 90 2.84 -30.37 -1.62
C GLU A 90 1.54 -29.88 -0.98
N ALA A 91 1.33 -30.06 0.31
CA ALA A 91 0.04 -29.77 0.94
C ALA A 91 -0.19 -28.27 1.15
N GLY A 92 0.84 -27.54 1.53
CA GLY A 92 0.61 -26.12 1.96
C GLY A 92 0.69 -25.15 0.79
N SER A 93 -0.02 -24.02 0.94
CA SER A 93 0.14 -22.91 0.01
C SER A 93 1.33 -22.07 0.48
N HIS A 94 2.13 -21.62 -0.49
CA HIS A 94 3.25 -20.76 -0.23
C HIS A 94 3.19 -19.53 -1.17
N THR A 95 3.94 -18.51 -0.80
CA THR A 95 3.85 -17.18 -1.45
C THR A 95 5.23 -16.74 -1.93
N VAL A 96 5.32 -16.26 -3.17
N VAL A 96 5.33 -16.31 -3.19
CA VAL A 96 6.48 -15.53 -3.56
CA VAL A 96 6.52 -15.58 -3.72
C VAL A 96 6.03 -14.11 -3.87
C VAL A 96 6.06 -14.12 -3.94
N GLN A 97 6.87 -13.15 -3.49
CA GLN A 97 6.67 -11.74 -3.79
C GLN A 97 7.93 -11.15 -4.41
N ARG A 98 7.74 -10.24 -5.36
N ARG A 98 7.74 -10.25 -5.38
CA ARG A 98 8.84 -9.55 -6.01
CA ARG A 98 8.83 -9.56 -6.06
C ARG A 98 8.43 -8.09 -6.11
C ARG A 98 8.43 -8.10 -6.14
N MET A 99 9.41 -7.19 -5.96
CA MET A 99 9.16 -5.76 -6.22
C MET A 99 10.37 -5.23 -6.95
N TYR A 100 10.17 -4.39 -7.97
CA TYR A 100 11.30 -3.71 -8.57
C TYR A 100 10.88 -2.35 -9.11
N GLY A 101 11.89 -1.52 -9.31
CA GLY A 101 11.62 -0.20 -9.91
C GLY A 101 12.73 0.78 -9.61
N CYS A 102 12.40 2.06 -9.83
CA CYS A 102 13.43 3.11 -9.92
C CYS A 102 12.90 4.39 -9.27
N ASP A 103 13.81 5.14 -8.65
CA ASP A 103 13.56 6.48 -8.05
C ASP A 103 14.32 7.47 -8.89
N VAL A 104 13.73 8.66 -9.08
CA VAL A 104 14.42 9.79 -9.73
C VAL A 104 14.26 10.96 -8.79
N GLY A 105 15.23 11.88 -8.88
CA GLY A 105 15.10 13.10 -8.13
C GLY A 105 14.23 14.13 -8.83
N SER A 106 14.28 15.37 -8.29
CA SER A 106 13.54 16.49 -8.79
C SER A 106 13.84 16.86 -10.25
N ASP A 107 15.06 16.53 -10.72
CA ASP A 107 15.49 16.72 -12.07
C ASP A 107 15.11 15.58 -12.98
N TRP A 108 14.41 14.57 -12.42
CA TRP A 108 13.96 13.35 -13.11
C TRP A 108 15.15 12.50 -13.59
N ARG A 109 16.32 12.69 -12.98
CA ARG A 109 17.47 11.82 -13.24
C ARG A 109 17.47 10.64 -12.27
N PHE A 110 18.01 9.52 -12.75
CA PHE A 110 18.14 8.34 -11.97
C PHE A 110 18.77 8.61 -10.60
N LEU A 111 18.14 8.11 -9.53
CA LEU A 111 18.70 8.18 -8.20
C LEU A 111 19.09 6.78 -7.70
N ARG A 112 18.17 5.80 -7.81
CA ARG A 112 18.30 4.51 -7.10
C ARG A 112 17.38 3.51 -7.78
N GLY A 113 17.81 2.26 -7.86
CA GLY A 113 17.06 1.18 -8.39
C GLY A 113 16.98 0.07 -7.39
N TYR A 114 15.99 -0.81 -7.57
CA TYR A 114 15.69 -1.84 -6.61
C TYR A 114 15.13 -3.06 -7.29
N HIS A 115 15.45 -4.25 -6.74
CA HIS A 115 14.87 -5.48 -7.23
C HIS A 115 14.99 -6.50 -6.12
N GLN A 116 13.88 -6.92 -5.55
CA GLN A 116 13.96 -7.77 -4.39
C GLN A 116 12.85 -8.79 -4.36
N TYR A 117 13.04 -9.81 -3.54
N TYR A 117 13.17 -9.95 -3.79
CA TYR A 117 12.34 -11.04 -3.72
CA TYR A 117 12.28 -11.06 -3.69
C TYR A 117 12.19 -11.73 -2.35
C TYR A 117 12.11 -11.52 -2.24
N ALA A 118 10.97 -12.15 -2.00
CA ALA A 118 10.64 -12.78 -0.69
C ALA A 118 9.92 -14.09 -0.93
N TYR A 119 10.12 -15.01 0.01
CA TYR A 119 9.43 -16.28 0.09
C TYR A 119 8.75 -16.38 1.44
N ASP A 120 7.44 -16.63 1.39
CA ASP A 120 6.62 -16.71 2.58
C ASP A 120 6.84 -15.49 3.47
N GLY A 121 6.95 -14.30 2.84
CA GLY A 121 6.92 -13.06 3.59
C GLY A 121 8.25 -12.65 4.20
N LYS A 122 9.29 -13.45 3.94
CA LYS A 122 10.65 -13.15 4.48
C LYS A 122 11.61 -12.88 3.33
N ASP A 123 12.56 -11.99 3.59
CA ASP A 123 13.60 -11.70 2.60
C ASP A 123 14.27 -12.96 2.10
N TYR A 124 14.42 -13.04 0.77
CA TYR A 124 15.06 -14.18 0.15
C TYR A 124 16.33 -13.71 -0.61
N ILE A 125 16.21 -12.87 -1.63
CA ILE A 125 17.36 -12.32 -2.33
C ILE A 125 17.03 -10.91 -2.82
N ALA A 126 17.98 -9.99 -2.78
CA ALA A 126 17.80 -8.64 -3.25
C ALA A 126 19.06 -8.13 -3.96
N LEU A 127 18.87 -7.29 -4.98
CA LEU A 127 19.95 -6.62 -5.63
C LEU A 127 20.44 -5.57 -4.65
N LYS A 128 21.76 -5.45 -4.48
CA LYS A 128 22.32 -4.37 -3.68
C LYS A 128 22.20 -3.02 -4.41
N GLU A 129 22.47 -1.95 -3.65
CA GLU A 129 22.23 -0.58 -4.14
C GLU A 129 23.09 -0.28 -5.36
N ASP A 130 24.27 -0.89 -5.44
CA ASP A 130 25.10 -0.68 -6.62
C ASP A 130 24.61 -1.42 -7.87
N LEU A 131 23.54 -2.22 -7.76
CA LEU A 131 22.99 -2.94 -8.88
C LEU A 131 23.97 -3.94 -9.55
N ARG A 132 25.00 -4.38 -8.82
CA ARG A 132 26.04 -5.21 -9.42
C ARG A 132 26.21 -6.53 -8.66
N SER A 133 25.54 -6.63 -7.52
CA SER A 133 25.74 -7.79 -6.56
C SER A 133 24.42 -8.06 -5.84
N TRP A 134 24.37 -9.19 -5.14
CA TRP A 134 23.16 -9.66 -4.48
C TRP A 134 23.35 -9.90 -2.99
N THR A 135 22.30 -9.68 -2.22
CA THR A 135 22.15 -10.05 -0.80
C THR A 135 21.29 -11.32 -0.75
N ALA A 136 21.82 -12.48 -0.34
CA ALA A 136 21.10 -13.72 -0.19
C ALA A 136 20.96 -14.01 1.30
N ALA A 137 19.77 -14.34 1.76
CA ALA A 137 19.52 -14.39 3.21
C ALA A 137 19.93 -15.75 3.80
N ASP A 138 19.93 -16.85 3.06
CA ASP A 138 20.22 -18.19 3.55
C ASP A 138 20.84 -19.02 2.45
N MET A 139 21.12 -20.29 2.72
CA MET A 139 21.83 -21.09 1.76
C MET A 139 20.99 -21.42 0.52
N CYS A 140 19.66 -21.48 0.64
CA CYS A 140 18.85 -21.65 -0.58
C CYS A 140 19.05 -20.43 -1.51
N ALA A 141 18.94 -19.23 -0.94
CA ALA A 141 19.12 -18.06 -1.70
C ALA A 141 20.53 -17.91 -2.26
N GLN A 142 21.55 -18.41 -1.52
CA GLN A 142 22.93 -18.38 -2.04
C GLN A 142 23.02 -19.22 -3.31
N THR A 143 22.33 -20.37 -3.38
CA THR A 143 22.33 -21.18 -4.59
C THR A 143 21.69 -20.36 -5.73
N THR A 144 20.62 -19.65 -5.42
CA THR A 144 20.00 -18.74 -6.43
C THR A 144 20.99 -17.66 -6.87
N LYS A 145 21.69 -17.01 -5.94
CA LYS A 145 22.67 -16.03 -6.23
C LYS A 145 23.71 -16.56 -7.22
N HIS A 146 24.27 -17.74 -6.93
CA HIS A 146 25.29 -18.30 -7.86
C HIS A 146 24.72 -18.46 -9.26
N LYS A 147 23.49 -18.92 -9.32
CA LYS A 147 22.80 -19.13 -10.62
C LYS A 147 22.73 -17.81 -11.38
N TRP A 148 22.25 -16.79 -10.69
CA TRP A 148 22.02 -15.47 -11.31
C TRP A 148 23.35 -14.79 -11.65
N GLU A 149 24.43 -15.06 -10.92
CA GLU A 149 25.74 -14.56 -11.24
C GLU A 149 26.22 -15.23 -12.53
N ALA A 150 26.00 -16.54 -12.64
CA ALA A 150 26.51 -17.25 -13.81
C ALA A 150 25.82 -16.72 -15.08
N ALA A 151 24.55 -16.32 -14.94
CA ALA A 151 23.71 -15.88 -16.08
C ALA A 151 23.68 -14.34 -16.22
N HIS A 152 24.58 -13.63 -15.54
CA HIS A 152 24.75 -12.14 -15.64
C HIS A 152 23.40 -11.42 -15.54
N VAL A 153 22.53 -11.90 -14.63
CA VAL A 153 21.19 -11.34 -14.40
C VAL A 153 21.29 -9.88 -13.93
N ALA A 154 22.23 -9.58 -13.01
CA ALA A 154 22.34 -8.24 -12.42
C ALA A 154 22.55 -7.22 -13.53
N GLU A 155 23.38 -7.58 -14.51
CA GLU A 155 23.75 -6.73 -15.64
C GLU A 155 22.47 -6.35 -16.39
N GLN A 156 21.60 -7.32 -16.67
CA GLN A 156 20.38 -7.08 -17.43
C GLN A 156 19.49 -6.15 -16.60
N LEU A 157 19.41 -6.41 -15.29
CA LEU A 157 18.53 -5.62 -14.48
C LEU A 157 19.02 -4.19 -14.32
N ARG A 158 20.32 -4.00 -14.13
CA ARG A 158 20.88 -2.69 -14.04
C ARG A 158 20.54 -1.88 -15.29
N ALA A 159 20.64 -2.47 -16.49
CA ALA A 159 20.38 -1.71 -17.69
C ALA A 159 18.94 -1.21 -17.69
N TYR A 160 18.00 -2.07 -17.32
CA TYR A 160 16.57 -1.68 -17.21
C TYR A 160 16.39 -0.59 -16.16
N LEU A 161 16.91 -0.79 -14.96
CA LEU A 161 16.60 0.06 -13.84
C LEU A 161 17.18 1.46 -14.05
N GLU A 162 18.39 1.55 -14.65
CA GLU A 162 19.07 2.84 -14.81
C GLU A 162 18.60 3.56 -16.06
N GLY A 163 18.01 2.84 -17.01
CA GLY A 163 17.72 3.37 -18.31
C GLY A 163 16.24 3.33 -18.63
N THR A 164 15.77 2.19 -19.14
CA THR A 164 14.42 1.94 -19.54
C THR A 164 13.38 2.36 -18.47
N CYS A 165 13.61 1.94 -17.24
CA CYS A 165 12.69 2.27 -16.17
C CYS A 165 12.48 3.79 -16.05
N VAL A 166 13.60 4.53 -16.02
CA VAL A 166 13.56 5.97 -15.88
C VAL A 166 12.85 6.59 -17.08
N GLU A 167 13.09 6.02 -18.26
CA GLU A 167 12.49 6.56 -19.48
C GLU A 167 10.97 6.42 -19.43
N TRP A 168 10.44 5.25 -19.01
CA TRP A 168 9.03 5.10 -18.86
C TRP A 168 8.44 6.06 -17.80
N LEU A 169 9.17 6.20 -16.69
CA LEU A 169 8.68 7.06 -15.61
C LEU A 169 8.51 8.50 -16.15
N ARG A 170 9.52 8.99 -16.89
CA ARG A 170 9.47 10.36 -17.46
C ARG A 170 8.27 10.47 -18.40
N ARG A 171 8.04 9.48 -19.24
CA ARG A 171 6.90 9.50 -20.14
C ARG A 171 5.58 9.61 -19.39
N TYR A 172 5.42 8.75 -18.35
CA TYR A 172 4.19 8.76 -17.58
C TYR A 172 3.98 10.11 -16.85
N LEU A 173 5.05 10.63 -16.23
CA LEU A 173 4.95 11.94 -15.54
C LEU A 173 4.50 13.05 -16.49
N GLU A 174 4.94 12.95 -17.76
CA GLU A 174 4.52 13.97 -18.79
C GLU A 174 3.07 13.72 -19.15
N ASN A 175 2.74 12.48 -19.53
CA ASN A 175 1.43 12.13 -20.00
C ASN A 175 0.36 12.40 -18.94
N GLY A 176 0.66 12.09 -17.69
CA GLY A 176 -0.27 12.24 -16.58
C GLY A 176 -0.06 13.52 -15.78
N LYS A 177 0.59 14.51 -16.38
CA LYS A 177 1.02 15.65 -15.62
C LYS A 177 -0.09 16.31 -14.78
N GLU A 178 -1.31 16.39 -15.30
CA GLU A 178 -2.39 17.13 -14.68
C GLU A 178 -2.65 16.67 -13.24
N THR A 179 -2.45 15.38 -12.96
CA THR A 179 -2.52 14.78 -11.63
C THR A 179 -1.15 14.38 -11.08
N LEU A 180 -0.29 13.68 -11.84
CA LEU A 180 0.94 13.18 -11.27
C LEU A 180 1.89 14.27 -10.81
N GLN A 181 1.87 15.43 -11.52
CA GLN A 181 2.75 16.54 -11.14
C GLN A 181 2.04 17.56 -10.25
N ARG A 182 0.80 17.30 -9.85
CA ARG A 182 0.04 18.18 -8.96
C ARG A 182 0.20 17.67 -7.52
N THR A 183 0.48 18.58 -6.58
CA THR A 183 0.49 18.29 -5.16
C THR A 183 -0.82 18.81 -4.57
N ASP A 184 -1.43 18.01 -3.70
CA ASP A 184 -2.66 18.36 -3.03
C ASP A 184 -2.30 18.47 -1.54
N ALA A 185 -2.21 19.71 -1.07
CA ALA A 185 -1.86 19.95 0.33
C ALA A 185 -2.93 19.41 1.25
N PRO A 186 -2.55 18.99 2.48
CA PRO A 186 -3.55 18.48 3.39
C PRO A 186 -4.55 19.56 3.78
N LYS A 187 -5.80 19.12 3.91
CA LYS A 187 -6.92 19.88 4.47
C LYS A 187 -6.96 19.50 5.95
N THR A 188 -6.67 20.47 6.82
CA THR A 188 -6.43 20.17 8.25
C THR A 188 -7.50 20.79 9.14
N HIS A 189 -7.78 20.13 10.25
CA HIS A 189 -8.65 20.63 11.33
C HIS A 189 -8.32 19.89 12.61
N MET A 190 -8.84 20.40 13.73
CA MET A 190 -8.63 19.80 15.03
C MET A 190 -9.97 19.47 15.67
N THR A 191 -10.05 18.32 16.34
CA THR A 191 -11.21 17.94 17.19
C THR A 191 -10.79 17.84 18.65
N HIS A 192 -11.80 17.93 19.52
CA HIS A 192 -11.64 17.89 20.96
C HIS A 192 -12.69 16.92 21.53
N HIS A 193 -12.28 16.02 22.41
CA HIS A 193 -13.20 15.15 23.14
C HIS A 193 -12.76 15.00 24.60
N ALA A 194 -13.73 14.94 25.51
CA ALA A 194 -13.47 14.71 26.95
C ALA A 194 -13.66 13.24 27.33
N VAL A 195 -12.71 12.68 28.07
CA VAL A 195 -12.77 11.28 28.61
C VAL A 195 -13.48 11.26 29.99
N SER A 196 -13.09 12.27 30.74
CA SER A 196 -13.48 12.51 32.09
C SER A 196 -13.48 14.03 32.22
N ASP A 197 -13.75 14.63 33.39
CA ASP A 197 -13.55 16.09 33.41
C ASP A 197 -12.13 16.44 33.89
N HIS A 198 -11.16 15.53 33.81
CA HIS A 198 -9.83 16.02 34.05
C HIS A 198 -8.98 15.92 32.77
N GLU A 199 -9.36 15.06 31.81
CA GLU A 199 -8.49 14.61 30.64
C GLU A 199 -9.24 14.88 29.33
N ALA A 200 -8.57 15.52 28.35
CA ALA A 200 -9.12 15.74 26.99
C ALA A 200 -8.18 15.21 25.93
N THR A 201 -8.76 14.82 24.78
CA THR A 201 -8.05 14.33 23.64
C THR A 201 -8.18 15.37 22.55
N LEU A 202 -7.04 15.88 22.02
CA LEU A 202 -7.02 16.74 20.84
C LEU A 202 -6.56 15.90 19.65
N ARG A 203 -7.29 15.97 18.52
CA ARG A 203 -6.93 15.16 17.36
C ARG A 203 -6.77 16.12 16.19
N CYS A 204 -5.54 16.11 15.64
CA CYS A 204 -5.14 16.86 14.49
C CYS A 204 -5.32 15.99 13.24
N TRP A 205 -6.15 16.47 12.30
CA TRP A 205 -6.52 15.75 11.11
C TRP A 205 -5.83 16.35 9.88
N ALA A 206 -5.38 15.46 9.00
CA ALA A 206 -4.88 15.82 7.67
C ALA A 206 -5.68 14.98 6.65
N LEU A 207 -6.40 15.63 5.73
CA LEU A 207 -7.27 14.97 4.79
C LEU A 207 -6.95 15.42 3.35
N SER A 208 -7.26 14.54 2.41
CA SER A 208 -7.31 14.89 1.01
C SER A 208 -5.95 15.28 0.47
N PHE A 209 -4.87 14.63 0.94
CA PHE A 209 -3.55 15.03 0.48
C PHE A 209 -2.91 14.03 -0.50
N TYR A 210 -1.96 14.54 -1.27
CA TYR A 210 -1.18 13.73 -2.23
C TYR A 210 0.12 14.46 -2.52
N PRO A 211 1.26 13.78 -2.46
CA PRO A 211 1.44 12.36 -2.24
C PRO A 211 1.25 11.96 -0.78
N ALA A 212 1.51 10.67 -0.48
CA ALA A 212 1.13 10.13 0.82
C ALA A 212 2.07 10.56 1.93
N GLU A 213 3.33 10.90 1.59
CA GLU A 213 4.32 11.30 2.63
C GLU A 213 3.80 12.53 3.37
N ILE A 214 3.85 12.45 4.71
CA ILE A 214 3.43 13.57 5.54
C ILE A 214 4.06 13.37 6.92
N THR A 215 4.24 14.48 7.65
CA THR A 215 4.62 14.40 9.03
C THR A 215 3.67 15.25 9.86
N LEU A 216 3.14 14.61 10.92
CA LEU A 216 2.30 15.27 11.92
C LEU A 216 3.04 15.15 13.27
N THR A 217 3.23 16.28 13.95
CA THR A 217 3.91 16.26 15.27
C THR A 217 3.19 17.21 16.22
N TRP A 218 3.23 16.86 17.51
CA TRP A 218 2.68 17.67 18.57
C TRP A 218 3.81 18.33 19.37
N GLN A 219 3.56 19.56 19.80
CA GLN A 219 4.42 20.26 20.75
C GLN A 219 3.59 20.71 21.94
N ARG A 220 4.26 20.79 23.11
CA ARG A 220 3.71 21.39 24.35
C ARG A 220 4.63 22.55 24.72
N ASP A 221 4.07 23.76 24.72
CA ASP A 221 4.83 24.99 25.04
C ASP A 221 6.04 25.04 24.09
N GLY A 222 5.82 24.65 22.83
CA GLY A 222 6.90 24.79 21.83
C GLY A 222 7.98 23.73 21.85
N GLU A 223 7.79 22.63 22.58
CA GLU A 223 8.74 21.55 22.64
C GLU A 223 8.07 20.24 22.18
N ASP A 224 8.76 19.44 21.36
CA ASP A 224 8.17 18.23 20.80
C ASP A 224 7.61 17.34 21.91
N GLN A 225 6.39 16.81 21.72
CA GLN A 225 5.83 15.86 22.69
C GLN A 225 5.40 14.59 21.97
N THR A 226 5.95 13.44 22.42
CA THR A 226 5.52 12.12 21.91
C THR A 226 4.74 11.27 22.93
N GLN A 227 5.01 11.46 24.23
CA GLN A 227 4.29 10.78 25.23
C GLN A 227 2.83 11.22 25.18
N ASP A 228 1.92 10.27 25.40
CA ASP A 228 0.50 10.50 25.45
C ASP A 228 -0.02 10.90 24.06
N THR A 229 0.68 10.45 23.01
CA THR A 229 0.20 10.69 21.64
C THR A 229 -0.11 9.37 20.96
N GLU A 230 -0.93 9.47 19.91
CA GLU A 230 -1.26 8.33 19.05
C GLU A 230 -1.30 8.84 17.60
N LEU A 231 -0.58 8.14 16.72
CA LEU A 231 -0.45 8.51 15.29
C LEU A 231 -0.93 7.31 14.49
N VAL A 232 -2.00 7.46 13.68
CA VAL A 232 -2.50 6.34 12.94
C VAL A 232 -1.71 6.22 11.64
N GLU A 233 -1.64 5.02 11.08
CA GLU A 233 -1.05 4.79 9.80
C GLU A 233 -1.76 5.62 8.73
N THR A 234 -1.00 6.23 7.84
CA THR A 234 -1.56 6.91 6.65
C THR A 234 -2.41 5.91 5.85
N ARG A 235 -3.59 6.36 5.46
CA ARG A 235 -4.62 5.49 4.85
C ARG A 235 -5.15 6.14 3.58
N PRO A 236 -5.54 5.31 2.61
CA PRO A 236 -6.11 5.83 1.38
C PRO A 236 -7.58 6.25 1.56
N ALA A 237 -7.91 7.40 1.01
CA ALA A 237 -9.29 7.87 1.03
C ALA A 237 -10.16 7.05 0.08
N GLY A 238 -9.56 6.56 -1.01
CA GLY A 238 -10.28 5.86 -2.09
C GLY A 238 -10.55 6.66 -3.35
N ASP A 239 -10.21 7.94 -3.34
CA ASP A 239 -10.31 8.85 -4.49
C ASP A 239 -8.92 9.25 -4.96
N GLY A 240 -7.87 8.56 -4.50
CA GLY A 240 -6.52 8.81 -4.89
C GLY A 240 -5.74 9.61 -3.85
N THR A 241 -6.44 10.25 -2.89
CA THR A 241 -5.81 11.01 -1.85
C THR A 241 -5.65 10.17 -0.59
N PHE A 242 -4.97 10.76 0.42
CA PHE A 242 -4.61 10.09 1.67
C PHE A 242 -5.08 10.90 2.88
N GLN A 243 -5.18 10.20 4.00
CA GLN A 243 -5.68 10.71 5.27
C GLN A 243 -4.73 10.28 6.40
N LYS A 244 -4.64 11.11 7.42
CA LYS A 244 -3.88 10.73 8.64
C LYS A 244 -4.39 11.59 9.78
N TRP A 245 -4.22 11.11 11.02
CA TRP A 245 -4.43 11.93 12.16
C TRP A 245 -3.40 11.60 13.24
N VAL A 246 -3.23 12.57 14.13
CA VAL A 246 -2.43 12.44 15.34
C VAL A 246 -3.18 13.04 16.52
N ALA A 247 -3.16 12.31 17.63
CA ALA A 247 -3.84 12.77 18.80
C ALA A 247 -2.92 12.89 20.03
N VAL A 248 -3.31 13.77 20.95
CA VAL A 248 -2.63 13.92 22.23
C VAL A 248 -3.67 14.02 23.34
N VAL A 249 -3.33 13.46 24.50
CA VAL A 249 -4.14 13.58 25.69
C VAL A 249 -3.50 14.68 26.59
N VAL A 250 -4.35 15.59 26.99
CA VAL A 250 -3.92 16.79 27.70
C VAL A 250 -4.76 16.96 28.95
N PRO A 251 -4.27 17.69 29.96
CA PRO A 251 -5.11 18.09 31.08
C PRO A 251 -6.17 19.08 30.62
N SER A 252 -7.45 18.79 30.99
CA SER A 252 -8.53 19.68 30.65
C SER A 252 -8.22 21.10 31.16
N GLY A 253 -8.40 22.11 30.29
CA GLY A 253 -8.09 23.51 30.52
C GLY A 253 -6.71 23.98 30.05
N GLN A 254 -5.86 23.05 29.62
CA GLN A 254 -4.52 23.35 29.19
C GLN A 254 -4.34 23.13 27.67
N GLU A 255 -5.43 23.01 26.96
CA GLU A 255 -5.40 22.78 25.51
C GLU A 255 -4.58 23.83 24.73
N GLN A 256 -4.58 25.09 25.17
CA GLN A 256 -3.85 26.17 24.46
C GLN A 256 -2.32 25.96 24.43
N ARG A 257 -1.80 25.07 25.27
CA ARG A 257 -0.36 24.87 25.35
C ARG A 257 0.15 24.06 24.14
N TYR A 258 -0.79 23.31 23.51
CA TYR A 258 -0.48 22.25 22.56
C TYR A 258 -0.69 22.76 21.15
N THR A 259 0.28 22.46 20.29
CA THR A 259 0.18 22.77 18.87
C THR A 259 0.48 21.54 18.03
N CYS A 260 -0.27 21.41 16.91
CA CYS A 260 0.07 20.36 15.94
C CYS A 260 0.72 20.99 14.72
N HIS A 261 1.75 20.32 14.20
CA HIS A 261 2.59 20.80 13.16
C HIS A 261 2.51 19.83 11.99
N VAL A 262 2.24 20.38 10.81
CA VAL A 262 2.01 19.52 9.63
C VAL A 262 3.01 19.91 8.55
N GLN A 263 3.71 18.90 8.07
CA GLN A 263 4.69 19.04 6.97
C GLN A 263 4.27 18.17 5.80
N HIS A 264 4.26 18.79 4.61
CA HIS A 264 3.87 18.10 3.39
C HIS A 264 4.45 18.87 2.22
N GLU A 265 4.71 18.16 1.12
CA GLU A 265 5.29 18.74 -0.16
C GLU A 265 4.37 19.82 -0.74
N GLY A 266 3.06 19.77 -0.49
CA GLY A 266 2.14 20.75 -0.98
C GLY A 266 2.09 22.03 -0.16
N LEU A 267 2.76 22.06 1.00
CA LEU A 267 2.77 23.23 1.90
C LEU A 267 4.11 23.93 1.80
N PRO A 268 4.15 25.17 1.28
CA PRO A 268 5.42 25.90 1.22
C PRO A 268 6.15 26.07 2.59
N LYS A 269 5.38 26.16 3.67
CA LYS A 269 5.89 26.23 5.01
C LYS A 269 5.01 25.33 5.87
N PRO A 270 5.54 24.65 6.91
CA PRO A 270 4.67 23.80 7.73
C PRO A 270 3.51 24.60 8.36
N LEU A 271 2.40 23.91 8.63
CA LEU A 271 1.19 24.49 9.22
C LEU A 271 1.22 24.21 10.72
N THR A 272 0.68 25.14 11.49
CA THR A 272 0.54 25.00 12.91
C THR A 272 -0.94 25.16 13.24
N LEU A 273 -1.53 24.20 13.97
CA LEU A 273 -2.90 24.22 14.42
C LEU A 273 -2.92 24.24 15.97
N ARG A 274 -3.92 24.92 16.51
CA ARG A 274 -4.09 25.09 17.93
C ARG A 274 -5.59 25.02 18.20
N TRP A 275 -6.00 24.52 19.36
CA TRP A 275 -7.41 24.46 19.72
C TRP A 275 -7.90 25.85 20.15
N ILE B 2 5.71 -16.45 11.65
CA ILE B 2 5.59 -16.47 10.14
C ILE B 2 4.31 -15.74 9.72
N GLN B 3 3.32 -15.66 10.62
CA GLN B 3 1.97 -15.11 10.30
C GLN B 3 1.78 -13.78 11.03
N ARG B 4 1.24 -12.79 10.30
CA ARG B 4 1.13 -11.44 10.79
C ARG B 4 -0.33 -11.01 10.70
N THR B 5 -0.90 -10.49 11.80
CA THR B 5 -2.33 -10.23 11.93
C THR B 5 -2.65 -8.86 11.32
N PRO B 6 -3.83 -8.72 10.72
CA PRO B 6 -4.17 -7.42 10.14
C PRO B 6 -4.43 -6.28 11.13
N LYS B 7 -3.97 -5.10 10.77
CA LYS B 7 -4.40 -3.84 11.31
C LYS B 7 -5.65 -3.41 10.54
N ILE B 8 -6.60 -2.77 11.20
CA ILE B 8 -7.91 -2.43 10.64
C ILE B 8 -8.24 -0.97 10.96
N GLN B 9 -8.57 -0.17 9.94
CA GLN B 9 -9.15 1.14 10.13
C GLN B 9 -10.46 1.19 9.33
N VAL B 10 -11.49 1.78 9.96
CA VAL B 10 -12.82 1.90 9.38
C VAL B 10 -13.18 3.39 9.37
N TYR B 11 -13.56 3.90 8.18
CA TYR B 11 -13.67 5.38 8.03
C TYR B 11 -14.38 5.71 6.73
N SER B 12 -14.85 6.97 6.61
CA SER B 12 -15.46 7.40 5.34
C SER B 12 -14.45 8.11 4.43
N ARG B 13 -14.75 8.06 3.15
CA ARG B 13 -13.96 8.70 2.11
C ARG B 13 -13.94 10.22 2.25
N HIS B 14 -15.14 10.81 2.50
CA HIS B 14 -15.39 12.22 2.69
C HIS B 14 -15.91 12.52 4.10
N PRO B 15 -15.92 13.78 4.57
CA PRO B 15 -16.49 14.08 5.88
C PRO B 15 -17.97 13.63 5.98
N ALA B 16 -18.30 13.06 7.14
CA ALA B 16 -19.54 12.29 7.35
C ALA B 16 -20.69 13.24 7.62
N GLU B 17 -21.61 13.26 6.66
CA GLU B 17 -22.82 14.07 6.68
C GLU B 17 -23.97 13.20 6.16
N ASN B 18 -24.88 12.97 7.07
CA ASN B 18 -26.23 12.47 6.79
C ASN B 18 -26.84 13.00 5.50
N GLY B 19 -27.38 12.08 4.71
CA GLY B 19 -28.14 12.39 3.56
C GLY B 19 -27.30 12.48 2.32
N LYS B 20 -25.96 12.48 2.44
CA LYS B 20 -25.15 12.66 1.23
C LYS B 20 -24.38 11.38 0.92
N SER B 21 -24.40 10.97 -0.35
CA SER B 21 -23.73 9.82 -0.82
C SER B 21 -22.26 9.97 -0.46
N ASN B 22 -21.73 8.94 0.15
CA ASN B 22 -20.33 8.90 0.66
C ASN B 22 -19.86 7.49 0.41
N PHE B 23 -18.71 7.17 1.01
CA PHE B 23 -18.12 5.89 0.80
C PHE B 23 -17.56 5.39 2.12
N LEU B 24 -17.89 4.15 2.50
CA LEU B 24 -17.41 3.52 3.71
C LEU B 24 -16.24 2.62 3.32
N ASN B 25 -15.13 2.83 4.03
CA ASN B 25 -13.87 2.14 3.79
C ASN B 25 -13.51 1.27 4.99
N CYS B 26 -12.93 0.11 4.67
CA CYS B 26 -12.22 -0.69 5.65
C CYS B 26 -10.86 -1.02 5.06
N TYR B 27 -9.83 -0.46 5.70
CA TYR B 27 -8.46 -0.57 5.25
C TYR B 27 -7.78 -1.60 6.14
N VAL B 28 -7.31 -2.67 5.52
CA VAL B 28 -6.66 -3.77 6.25
C VAL B 28 -5.21 -3.81 5.79
N SER B 29 -4.26 -3.88 6.74
CA SER B 29 -2.84 -3.77 6.36
C SER B 29 -1.98 -4.58 7.35
N GLY B 30 -0.73 -4.79 6.96
CA GLY B 30 0.21 -5.44 7.88
C GLY B 30 0.08 -6.93 7.98
N PHE B 31 -0.69 -7.59 7.13
CA PHE B 31 -1.02 -9.00 7.33
C PHE B 31 -0.23 -9.90 6.35
N HIS B 32 -0.05 -11.18 6.77
CA HIS B 32 0.55 -12.20 5.93
C HIS B 32 0.11 -13.54 6.52
N PRO B 33 -0.40 -14.47 5.73
CA PRO B 33 -0.46 -14.48 4.27
C PRO B 33 -1.62 -13.64 3.71
N SER B 34 -1.73 -13.60 2.38
CA SER B 34 -2.66 -12.63 1.72
C SER B 34 -4.14 -13.03 1.82
N ASP B 35 -4.46 -14.29 2.05
CA ASP B 35 -5.90 -14.67 2.12
C ASP B 35 -6.55 -14.02 3.34
N ILE B 36 -7.67 -13.30 3.13
CA ILE B 36 -8.31 -12.55 4.20
C ILE B 36 -9.79 -12.43 3.86
N GLU B 37 -10.62 -12.36 4.90
CA GLU B 37 -12.03 -12.16 4.73
C GLU B 37 -12.41 -10.84 5.38
N VAL B 38 -13.06 -9.98 4.59
CA VAL B 38 -13.43 -8.67 5.03
C VAL B 38 -14.86 -8.39 4.61
N ASP B 39 -15.69 -8.08 5.62
CA ASP B 39 -17.08 -7.72 5.39
C ASP B 39 -17.30 -6.32 5.97
N LEU B 40 -18.15 -5.53 5.30
CA LEU B 40 -18.67 -4.32 5.86
C LEU B 40 -20.08 -4.60 6.37
N LEU B 41 -20.40 -4.09 7.56
CA LEU B 41 -21.69 -4.41 8.24
C LEU B 41 -22.49 -3.11 8.39
N LYS B 42 -23.80 -3.21 8.18
CA LYS B 42 -24.76 -2.21 8.45
C LYS B 42 -25.74 -2.77 9.50
N ASN B 43 -25.70 -2.22 10.72
CA ASN B 43 -26.57 -2.66 11.83
C ASN B 43 -26.37 -4.17 12.03
N GLY B 44 -25.12 -4.62 11.91
CA GLY B 44 -24.71 -5.97 12.22
C GLY B 44 -24.84 -6.95 11.08
N GLU B 45 -25.43 -6.51 9.93
CA GLU B 45 -25.68 -7.37 8.76
C GLU B 45 -24.72 -7.04 7.60
N ARG B 46 -24.25 -8.11 6.95
CA ARG B 46 -23.26 -8.06 5.86
C ARG B 46 -23.81 -7.25 4.69
N ILE B 47 -23.07 -6.23 4.25
CA ILE B 47 -23.39 -5.45 3.05
C ILE B 47 -22.93 -6.22 1.81
N GLU B 48 -23.80 -6.28 0.80
CA GLU B 48 -23.56 -7.21 -0.34
C GLU B 48 -22.62 -6.63 -1.41
N LYS B 49 -22.77 -5.35 -1.72
CA LYS B 49 -22.04 -4.85 -2.88
C LYS B 49 -20.80 -4.12 -2.35
N VAL B 50 -19.76 -4.89 -2.02
CA VAL B 50 -18.48 -4.31 -1.53
C VAL B 50 -17.36 -4.63 -2.53
N GLU B 51 -16.56 -3.61 -2.85
CA GLU B 51 -15.45 -3.77 -3.78
C GLU B 51 -14.14 -3.68 -3.00
N HIS B 52 -13.04 -4.10 -3.61
CA HIS B 52 -11.76 -3.92 -2.96
C HIS B 52 -10.69 -3.56 -3.99
N SER B 53 -9.58 -3.00 -3.49
CA SER B 53 -8.40 -2.68 -4.28
C SER B 53 -7.61 -3.93 -4.71
N ASP B 54 -6.68 -3.72 -5.65
CA ASP B 54 -5.81 -4.79 -6.10
C ASP B 54 -4.72 -5.02 -5.03
N LEU B 55 -4.46 -6.28 -4.73
CA LEU B 55 -3.50 -6.68 -3.71
C LEU B 55 -2.11 -6.11 -3.98
N SER B 56 -1.59 -5.44 -2.96
CA SER B 56 -0.24 -4.91 -2.97
C SER B 56 0.37 -5.14 -1.59
N PHE B 57 1.61 -4.69 -1.45
CA PHE B 57 2.30 -4.94 -0.21
C PHE B 57 3.34 -3.83 0.07
N SER B 58 3.73 -3.77 1.32
CA SER B 58 4.60 -2.73 1.86
C SER B 58 6.04 -3.24 1.84
N LYS B 59 6.96 -2.37 2.30
CA LYS B 59 8.37 -2.66 2.24
C LYS B 59 8.72 -3.94 3.02
N ASP B 60 8.01 -4.22 4.14
CA ASP B 60 8.27 -5.41 4.98
C ASP B 60 7.56 -6.70 4.49
N TRP B 61 6.98 -6.61 3.27
CA TRP B 61 6.32 -7.67 2.54
C TRP B 61 4.90 -7.90 3.03
N SER B 62 4.46 -7.17 4.08
CA SER B 62 3.07 -7.34 4.50
C SER B 62 2.09 -6.69 3.51
N PHE B 63 0.89 -7.31 3.43
CA PHE B 63 -0.11 -6.97 2.43
C PHE B 63 -1.03 -5.86 2.93
N TYR B 64 -1.64 -5.15 1.98
CA TYR B 64 -2.70 -4.20 2.32
C TYR B 64 -3.78 -4.22 1.23
N LEU B 65 -5.02 -3.97 1.67
CA LEU B 65 -6.22 -3.90 0.81
C LEU B 65 -7.13 -2.82 1.36
N LEU B 66 -7.86 -2.13 0.47
CA LEU B 66 -8.97 -1.30 0.83
C LEU B 66 -10.26 -1.94 0.33
N TYR B 67 -11.20 -2.10 1.25
CA TYR B 67 -12.56 -2.55 0.93
C TYR B 67 -13.49 -1.33 1.07
N TYR B 68 -14.45 -1.19 0.18
CA TYR B 68 -15.24 0.06 0.16
C TYR B 68 -16.61 -0.18 -0.49
N THR B 69 -17.57 0.63 -0.05
CA THR B 69 -18.95 0.58 -0.62
C THR B 69 -19.54 1.97 -0.47
N GLU B 70 -20.40 2.33 -1.43
CA GLU B 70 -21.16 3.56 -1.36
C GLU B 70 -22.16 3.44 -0.21
N PHE B 71 -22.38 4.53 0.52
CA PHE B 71 -23.39 4.56 1.58
C PHE B 71 -23.80 5.98 1.85
N THR B 72 -25.04 6.09 2.31
CA THR B 72 -25.55 7.32 2.74
C THR B 72 -25.75 7.23 4.24
N PRO B 73 -24.83 7.81 5.00
CA PRO B 73 -24.95 7.82 6.45
C PRO B 73 -26.28 8.45 6.89
N THR B 74 -26.80 7.94 8.01
CA THR B 74 -27.97 8.47 8.76
C THR B 74 -27.60 8.49 10.23
N GLU B 75 -28.46 9.04 11.09
CA GLU B 75 -28.14 9.18 12.54
C GLU B 75 -28.22 7.84 13.27
N LYS B 76 -29.08 6.95 12.79
CA LYS B 76 -29.40 5.70 13.51
C LYS B 76 -28.47 4.56 13.06
N ASP B 77 -28.05 4.57 11.79
CA ASP B 77 -27.40 3.38 11.20
C ASP B 77 -25.99 3.23 11.80
N GLU B 78 -25.67 2.02 12.27
CA GLU B 78 -24.35 1.67 12.80
C GLU B 78 -23.61 0.81 11.75
N TYR B 79 -22.33 1.17 11.52
CA TYR B 79 -21.51 0.51 10.50
C TYR B 79 -20.25 -0.04 11.16
N ALA B 80 -19.71 -1.10 10.56
CA ALA B 80 -18.55 -1.73 11.11
C ALA B 80 -17.87 -2.54 10.02
N CYS B 81 -16.67 -2.99 10.35
CA CYS B 81 -15.91 -3.91 9.49
C CYS B 81 -15.65 -5.18 10.31
N ARG B 82 -15.83 -6.33 9.67
CA ARG B 82 -15.58 -7.65 10.30
C ARG B 82 -14.51 -8.36 9.47
N VAL B 83 -13.44 -8.75 10.16
CA VAL B 83 -12.24 -9.29 9.47
C VAL B 83 -11.94 -10.70 10.01
N ASN B 84 -11.75 -11.67 9.11
CA ASN B 84 -11.17 -12.97 9.53
C ASN B 84 -9.90 -13.24 8.72
N HIS B 85 -8.99 -13.94 9.41
CA HIS B 85 -7.68 -14.22 8.89
C HIS B 85 -7.16 -15.42 9.68
N VAL B 86 -6.20 -16.11 9.09
CA VAL B 86 -5.68 -17.33 9.75
C VAL B 86 -5.15 -16.99 11.16
N THR B 87 -4.64 -15.79 11.38
CA THR B 87 -4.15 -15.36 12.67
C THR B 87 -5.25 -15.13 13.73
N LEU B 88 -6.50 -15.04 13.33
CA LEU B 88 -7.52 -14.69 14.29
C LEU B 88 -8.35 -15.94 14.64
N SER B 89 -8.55 -16.18 15.95
CA SER B 89 -9.37 -17.33 16.36
C SER B 89 -10.85 -17.04 16.11
N GLN B 90 -11.21 -15.77 16.36
CA GLN B 90 -12.57 -15.21 16.23
C GLN B 90 -12.50 -14.07 15.23
N PRO B 91 -13.53 -13.82 14.38
CA PRO B 91 -13.55 -12.58 13.58
C PRO B 91 -13.44 -11.36 14.49
N LYS B 92 -12.74 -10.35 14.03
CA LYS B 92 -12.57 -9.12 14.72
C LYS B 92 -13.50 -8.07 14.10
N ILE B 93 -14.21 -7.34 14.95
CA ILE B 93 -15.18 -6.28 14.52
C ILE B 93 -14.64 -4.94 15.01
N VAL B 94 -14.57 -3.98 14.07
CA VAL B 94 -14.16 -2.62 14.38
C VAL B 94 -15.31 -1.71 13.93
N LYS B 95 -15.92 -1.01 14.89
CA LYS B 95 -17.02 -0.09 14.59
C LYS B 95 -16.50 1.17 13.90
N TRP B 96 -17.34 1.72 13.02
CA TRP B 96 -17.11 3.01 12.48
C TRP B 96 -17.44 4.06 13.54
N ASP B 97 -16.49 4.95 13.80
CA ASP B 97 -16.63 6.06 14.74
C ASP B 97 -16.39 7.33 13.92
N ARG B 98 -17.39 8.16 13.68
CA ARG B 98 -17.16 9.27 12.74
C ARG B 98 -15.97 10.15 13.19
N ASP B 99 -15.41 9.93 14.39
CA ASP B 99 -14.39 10.83 14.94
C ASP B 99 -12.96 10.22 14.86
N MET B 100 -12.76 9.20 14.01
CA MET B 100 -11.47 8.44 13.88
C MET B 100 -11.19 7.88 12.47
NA NA C . 2.97 -1.56 -17.36
N GLY D . 6.47 0.87 -17.66
CA GLY D . 6.67 -0.33 -18.52
C GLY D . 7.51 -1.34 -17.80
O GLY D . 8.50 -0.98 -17.17
N LEU E . 7.12 -2.63 -17.87
CA LEU E . 7.83 -3.72 -17.16
C LEU E . 9.23 -3.97 -17.71
O LEU E . 9.49 -3.67 -18.92
CB LEU E . 7.04 -5.02 -17.32
CG LEU E . 5.76 -5.08 -16.52
CD1 LEU E . 4.91 -6.18 -17.06
CD2 LEU E . 6.09 -5.30 -15.04
OXT LEU E . 9.98 -4.57 -16.90
C1 GOL F . 14.42 -19.44 -7.02
O1 GOL F . 14.13 -18.04 -7.15
C2 GOL F . 15.66 -19.71 -7.88
O2 GOL F . 16.54 -20.69 -7.31
C3 GOL F . 15.25 -20.13 -9.29
O3 GOL F . 16.45 -20.40 -10.03
C1 GOL G . 2.56 4.01 -2.74
O1 GOL G . 1.12 3.77 -2.70
C2 GOL G . 3.33 3.16 -3.73
O2 GOL G . 2.99 1.74 -3.65
C3 GOL G . 4.81 3.47 -3.48
O3 GOL G . 5.64 2.70 -4.33
#